data_4PIS
#
_entry.id   4PIS
#
_cell.length_a   42.061
_cell.length_b   42.061
_cell.length_c   193.238
_cell.angle_alpha   90.000
_cell.angle_beta   90.000
_cell.angle_gamma   120.000
#
_symmetry.space_group_name_H-M   'P 32 2 1'
#
loop_
_entity.id
_entity.type
_entity.pdbx_description
1 polymer Protease
2 polymer PVI
3 non-polymer N~2~-[(2R)-2-(3,5-dichlorophenyl)-2-(dimethylamino)acetyl]-N-({2-[(Z)-iminomethyl]pyrimidin-4-yl}methyl)-L-isoleucinamide
4 water water
#
loop_
_entity_poly.entity_id
_entity_poly.type
_entity_poly.pdbx_seq_one_letter_code
_entity_poly.pdbx_strand_id
1 'polypeptide(L)'
;SGSSEQELAAIVRDLGCGPYFLGTHDKRFPGFLAGNKLACAIVNTAGRETGGVHWLAFGWNPRSRTCYMFDPFGFSDRRL
KQIYSFEYEAMLRRSALALSPDRCLSLEQSTQTVQGPDSAACGLFCCMFLHAFVHWPDRPMDGNPTMNLLTGVPNGMLQS
PQVLPTLRRNQEKLYRFLAHHSPYFRSHRAAIEHATAFDKMKQL
;
A
2 'polypeptide(L)' GVKSLKRRRCY B
#
# COMPACT_ATOMS: atom_id res chain seq x y z
N SER A 1 -17.64 2.29 3.60
CA SER A 1 -16.53 3.20 3.38
C SER A 1 -15.23 2.40 3.22
N GLY A 2 -14.77 2.31 1.98
CA GLY A 2 -13.55 1.60 1.65
C GLY A 2 -13.76 0.13 1.31
N SER A 3 -12.65 -0.56 1.11
CA SER A 3 -12.60 -1.98 0.72
C SER A 3 -12.44 -2.85 1.96
N SER A 4 -13.17 -3.99 1.98
CA SER A 4 -13.16 -5.00 3.04
C SER A 4 -11.95 -5.91 2.85
N GLU A 5 -11.55 -6.69 3.85
CA GLU A 5 -10.41 -7.60 3.70
C GLU A 5 -10.64 -8.73 2.67
N GLN A 6 -11.91 -9.13 2.44
CA GLN A 6 -12.29 -10.19 1.49
C GLN A 6 -12.15 -9.65 0.08
N GLU A 7 -12.56 -8.37 -0.10
CA GLU A 7 -12.48 -7.63 -1.35
C GLU A 7 -11.02 -7.59 -1.81
N LEU A 8 -10.12 -7.14 -0.90
CA LEU A 8 -8.69 -7.01 -1.15
C LEU A 8 -8.02 -8.35 -1.36
N ALA A 9 -8.37 -9.37 -0.53
CA ALA A 9 -7.82 -10.72 -0.69
C ALA A 9 -8.12 -11.30 -2.06
N ALA A 10 -9.38 -11.09 -2.53
CA ALA A 10 -9.78 -11.58 -3.85
C ALA A 10 -9.08 -10.85 -4.97
N ILE A 11 -8.93 -9.51 -4.84
CA ILE A 11 -8.26 -8.74 -5.90
C ILE A 11 -6.76 -9.05 -5.97
N VAL A 12 -6.11 -9.08 -4.81
CA VAL A 12 -4.68 -9.39 -4.71
C VAL A 12 -4.36 -10.75 -5.39
N ARG A 13 -5.20 -11.77 -5.11
CA ARG A 13 -5.12 -13.11 -5.70
C ARG A 13 -5.26 -12.99 -7.23
N ASP A 14 -6.30 -12.28 -7.70
CA ASP A 14 -6.59 -12.02 -9.11
C ASP A 14 -5.42 -11.36 -9.85
N LEU A 15 -4.63 -10.54 -9.13
CA LEU A 15 -3.46 -9.78 -9.63
C LEU A 15 -2.15 -10.61 -9.75
N GLY A 16 -2.18 -11.85 -9.28
CA GLY A 16 -1.05 -12.78 -9.30
C GLY A 16 -0.14 -12.70 -8.08
N CYS A 17 -0.70 -12.27 -6.92
CA CYS A 17 0.05 -12.06 -5.67
C CYS A 17 -0.01 -13.20 -4.70
N GLY A 18 -1.12 -13.94 -4.72
CA GLY A 18 -1.41 -15.09 -3.85
C GLY A 18 -0.25 -15.89 -3.31
N PRO A 19 0.66 -16.43 -4.19
CA PRO A 19 1.81 -17.22 -3.67
C PRO A 19 2.74 -16.44 -2.73
N TYR A 20 2.88 -15.11 -2.95
CA TYR A 20 3.76 -14.25 -2.15
C TYR A 20 3.02 -13.44 -1.12
N PHE A 21 1.68 -13.52 -1.09
CA PHE A 21 0.82 -12.76 -0.21
C PHE A 21 0.57 -13.45 1.09
N LEU A 22 0.78 -12.72 2.21
CA LEU A 22 0.65 -13.17 3.59
C LEU A 22 -0.69 -12.82 4.23
N GLY A 23 -1.59 -12.22 3.46
CA GLY A 23 -2.90 -11.84 3.96
C GLY A 23 -3.08 -10.36 4.25
N THR A 24 -4.28 -10.02 4.74
CA THR A 24 -4.74 -8.69 5.12
C THR A 24 -4.88 -8.68 6.64
N HIS A 25 -4.27 -7.67 7.28
CA HIS A 25 -4.24 -7.59 8.74
C HIS A 25 -4.55 -6.18 9.22
N ASP A 26 -4.60 -6.03 10.53
CA ASP A 26 -4.75 -4.77 11.22
C ASP A 26 -3.32 -4.33 11.61
N LYS A 27 -3.17 -3.18 12.28
CA LYS A 27 -1.88 -2.61 12.73
C LYS A 27 -0.90 -3.61 13.42
N ARG A 28 -1.42 -4.73 13.93
CA ARG A 28 -0.65 -5.75 14.64
C ARG A 28 0.03 -6.78 13.74
N PHE A 29 0.12 -6.53 12.42
CA PHE A 29 0.85 -7.41 11.52
C PHE A 29 2.28 -7.60 12.11
N PRO A 30 2.69 -8.87 12.35
CA PRO A 30 3.99 -9.10 13.01
C PRO A 30 5.22 -8.75 12.18
N GLY A 31 5.10 -8.92 10.87
CA GLY A 31 6.21 -8.70 9.97
C GLY A 31 6.49 -9.89 9.08
N PHE A 32 7.67 -9.87 8.48
CA PHE A 32 8.19 -10.89 7.59
C PHE A 32 9.15 -11.70 8.49
N LEU A 33 8.64 -12.81 9.03
CA LEU A 33 9.37 -13.63 9.99
C LEU A 33 9.57 -15.05 9.51
N ALA A 34 8.62 -15.59 8.69
CA ALA A 34 8.59 -16.98 8.20
C ALA A 34 9.87 -17.48 7.48
N GLY A 35 10.23 -16.85 6.37
CA GLY A 35 11.39 -17.22 5.57
C GLY A 35 11.86 -16.05 4.71
N ASN A 36 13.06 -16.16 4.10
CA ASN A 36 13.63 -15.08 3.26
C ASN A 36 13.21 -15.23 1.78
N LYS A 37 11.89 -15.14 1.55
CA LYS A 37 11.20 -15.24 0.25
C LYS A 37 10.55 -13.89 -0.08
N LEU A 38 10.14 -13.69 -1.37
CA LEU A 38 9.42 -12.50 -1.82
C LEU A 38 8.09 -12.58 -1.15
N ALA A 39 7.78 -11.56 -0.31
CA ALA A 39 6.57 -11.56 0.50
C ALA A 39 5.91 -10.20 0.57
N CYS A 40 4.58 -10.17 0.68
CA CYS A 40 3.85 -8.92 0.81
C CYS A 40 2.62 -9.09 1.70
N ALA A 41 1.96 -7.98 2.08
CA ALA A 41 0.78 -7.96 2.93
C ALA A 41 0.02 -6.63 2.76
N ILE A 42 -1.24 -6.59 3.21
CA ILE A 42 -2.06 -5.38 3.28
C ILE A 42 -2.38 -5.23 4.74
N VAL A 43 -1.97 -4.09 5.32
CA VAL A 43 -2.08 -3.82 6.76
C VAL A 43 -2.89 -2.57 7.01
N ASN A 44 -3.80 -2.64 7.99
CA ASN A 44 -4.60 -1.49 8.34
C ASN A 44 -3.86 -0.66 9.38
N THR A 45 -4.03 0.67 9.36
CA THR A 45 -3.41 1.56 10.36
C THR A 45 -3.99 1.34 11.75
N ALA A 46 -5.23 0.87 11.82
CA ALA A 46 -5.90 0.65 13.09
C ALA A 46 -6.04 -0.82 13.52
N GLY A 47 -6.45 -1.05 14.76
CA GLY A 47 -6.72 -2.40 15.28
C GLY A 47 -8.10 -2.84 14.83
N ARG A 48 -8.30 -4.15 14.56
CA ARG A 48 -9.57 -4.75 14.08
C ARG A 48 -10.84 -4.29 14.85
N GLU A 49 -10.67 -4.09 16.16
CA GLU A 49 -11.69 -3.66 17.13
C GLU A 49 -12.23 -2.26 16.88
N THR A 50 -11.43 -1.38 16.24
CA THR A 50 -11.87 -0.03 15.93
C THR A 50 -12.75 -0.06 14.66
N GLY A 51 -12.59 -1.12 13.87
CA GLY A 51 -13.34 -1.36 12.64
C GLY A 51 -12.62 -1.07 11.34
N GLY A 52 -11.37 -0.58 11.43
CA GLY A 52 -10.56 -0.23 10.27
C GLY A 52 -10.66 1.23 9.89
N VAL A 53 -9.50 1.83 9.51
CA VAL A 53 -9.41 3.26 9.19
C VAL A 53 -8.72 3.51 7.86
N HIS A 54 -7.52 2.96 7.66
CA HIS A 54 -6.77 3.22 6.43
C HIS A 54 -5.96 2.01 5.97
N TRP A 55 -5.77 1.83 4.67
CA TRP A 55 -5.00 0.69 4.19
C TRP A 55 -3.59 1.03 3.71
N LEU A 56 -2.62 0.16 4.08
CA LEU A 56 -1.20 0.25 3.70
C LEU A 56 -0.72 -1.08 3.09
N ALA A 57 0.27 -1.02 2.19
CA ALA A 57 0.83 -2.23 1.58
C ALA A 57 2.30 -2.39 1.98
N PHE A 58 2.68 -3.59 2.41
CA PHE A 58 4.04 -3.89 2.86
C PHE A 58 4.60 -5.02 2.01
N GLY A 59 5.79 -4.80 1.51
CA GLY A 59 6.51 -5.78 0.70
C GLY A 59 7.87 -6.03 1.28
N TRP A 60 8.41 -7.22 1.00
CA TRP A 60 9.75 -7.66 1.38
C TRP A 60 10.47 -8.25 0.18
N ASN A 61 11.61 -7.64 -0.17
CA ASN A 61 12.45 -8.16 -1.23
C ASN A 61 13.71 -8.77 -0.53
N PRO A 62 13.93 -10.10 -0.62
CA PRO A 62 15.08 -10.69 0.10
C PRO A 62 16.43 -10.50 -0.59
N ARG A 63 16.45 -10.16 -1.88
CA ARG A 63 17.65 -9.97 -2.72
C ARG A 63 18.25 -8.57 -2.58
N SER A 64 17.66 -7.75 -1.73
CA SER A 64 18.10 -6.38 -1.49
C SER A 64 17.93 -6.07 -0.01
N ARG A 65 17.25 -6.99 0.73
CA ARG A 65 16.87 -6.86 2.13
C ARG A 65 16.13 -5.52 2.34
N THR A 66 15.11 -5.31 1.49
CA THR A 66 14.30 -4.09 1.49
C THR A 66 12.86 -4.36 1.90
N CYS A 67 12.39 -3.56 2.85
CA CYS A 67 10.99 -3.58 3.20
C CYS A 67 10.38 -2.34 2.55
N TYR A 68 9.45 -2.56 1.61
CA TYR A 68 8.72 -1.49 0.99
C TYR A 68 7.47 -1.23 1.80
N MET A 69 7.22 0.04 2.18
CA MET A 69 5.98 0.45 2.84
C MET A 69 5.29 1.42 1.86
N PHE A 70 4.07 1.07 1.43
CA PHE A 70 3.30 1.90 0.51
C PHE A 70 2.04 2.46 1.16
N ASP A 71 2.02 3.79 1.33
CA ASP A 71 0.88 4.57 1.83
C ASP A 71 0.41 5.30 0.58
N PRO A 72 -0.81 5.02 0.06
CA PRO A 72 -1.26 5.71 -1.19
C PRO A 72 -1.15 7.24 -1.16
N PHE A 73 -1.19 7.79 0.05
CA PHE A 73 -1.08 9.20 0.41
C PHE A 73 0.38 9.69 0.60
N GLY A 74 1.35 8.76 0.62
CA GLY A 74 2.77 9.02 0.83
C GLY A 74 3.08 9.81 2.09
N PHE A 75 2.35 9.57 3.18
CA PHE A 75 2.64 10.23 4.45
C PHE A 75 3.92 9.63 5.03
N SER A 76 4.68 10.45 5.75
CA SER A 76 5.91 10.05 6.42
C SER A 76 5.49 9.25 7.65
N ASP A 77 6.43 8.48 8.24
CA ASP A 77 6.09 7.73 9.46
C ASP A 77 5.56 8.64 10.56
N ARG A 78 6.14 9.85 10.68
CA ARG A 78 5.78 10.86 11.67
C ARG A 78 4.30 11.26 11.49
N ARG A 79 3.88 11.42 10.24
CA ARG A 79 2.50 11.83 9.88
C ARG A 79 1.55 10.65 10.05
N LEU A 80 2.00 9.41 9.74
CA LEU A 80 1.21 8.21 10.00
C LEU A 80 0.95 8.03 11.47
N LYS A 81 1.97 8.27 12.32
CA LYS A 81 1.82 8.17 13.77
C LYS A 81 0.84 9.26 14.32
N GLN A 82 0.90 10.45 13.75
CA GLN A 82 0.06 11.59 14.17
C GLN A 82 -1.41 11.44 13.74
N ILE A 83 -1.63 11.24 12.44
CA ILE A 83 -2.95 11.15 11.83
C ILE A 83 -3.65 9.87 12.20
N TYR A 84 -2.95 8.70 12.08
CA TYR A 84 -3.55 7.38 12.26
C TYR A 84 -3.18 6.59 13.50
N SER A 85 -2.28 7.13 14.38
CA SER A 85 -1.76 6.47 15.60
C SER A 85 -1.02 5.15 15.26
N PHE A 86 -0.51 5.08 14.02
CA PHE A 86 0.17 3.92 13.46
C PHE A 86 1.66 4.04 13.41
N GLU A 87 2.30 3.06 14.03
CA GLU A 87 3.74 2.86 14.15
C GLU A 87 4.05 1.44 13.70
N TYR A 88 5.16 1.25 12.95
CA TYR A 88 5.52 -0.09 12.47
C TYR A 88 7.02 -0.38 12.69
N GLU A 89 7.56 0.26 13.75
CA GLU A 89 8.97 0.11 14.14
CA GLU A 89 8.96 0.13 14.20
C GLU A 89 9.22 -1.32 14.64
N ALA A 90 8.38 -1.81 15.58
CA ALA A 90 8.45 -3.17 16.13
C ALA A 90 8.41 -4.21 15.00
N MET A 91 7.58 -3.95 13.95
CA MET A 91 7.41 -4.80 12.77
CA MET A 91 7.41 -4.81 12.79
C MET A 91 8.73 -4.91 12.03
N LEU A 92 9.38 -3.77 11.81
CA LEU A 92 10.65 -3.64 11.12
C LEU A 92 11.76 -4.36 11.90
N ARG A 93 11.77 -4.19 13.26
CA ARG A 93 12.75 -4.84 14.13
CA ARG A 93 12.75 -4.84 14.13
C ARG A 93 12.57 -6.37 14.06
N ARG A 94 11.33 -6.89 14.35
CA ARG A 94 11.04 -8.34 14.30
C ARG A 94 11.46 -8.95 12.97
N SER A 95 11.26 -8.21 11.86
CA SER A 95 11.58 -8.63 10.50
C SER A 95 13.07 -8.72 10.21
N ALA A 96 13.85 -7.65 10.53
CA ALA A 96 15.31 -7.56 10.33
C ALA A 96 16.06 -8.58 11.23
N LEU A 97 15.50 -8.88 12.42
CA LEU A 97 16.06 -9.86 13.36
C LEU A 97 15.83 -11.27 12.84
N ALA A 98 14.67 -11.49 12.22
CA ALA A 98 14.29 -12.81 11.73
C ALA A 98 14.86 -13.16 10.37
N LEU A 99 15.13 -12.14 9.52
CA LEU A 99 15.52 -12.42 8.14
C LEU A 99 16.86 -11.83 7.67
N SER A 100 17.45 -10.90 8.44
CA SER A 100 18.71 -10.27 8.04
C SER A 100 19.88 -10.75 8.91
N PRO A 101 20.97 -11.28 8.29
CA PRO A 101 22.12 -11.77 9.07
C PRO A 101 22.84 -10.64 9.82
N ASP A 102 22.97 -9.47 9.15
CA ASP A 102 23.57 -8.24 9.69
C ASP A 102 22.60 -7.43 10.57
N ARG A 103 21.36 -7.94 10.73
CA ARG A 103 20.27 -7.34 11.51
C ARG A 103 19.85 -5.94 10.97
N CYS A 104 20.14 -5.67 9.67
CA CYS A 104 19.82 -4.42 9.00
C CYS A 104 18.92 -4.62 7.80
N LEU A 105 18.05 -3.64 7.55
CA LEU A 105 17.20 -3.65 6.37
C LEU A 105 17.12 -2.24 5.79
N SER A 106 16.62 -2.14 4.56
CA SER A 106 16.38 -0.84 3.93
C SER A 106 14.87 -0.65 3.95
N LEU A 107 14.43 0.49 4.43
CA LEU A 107 13.02 0.84 4.49
C LEU A 107 12.78 1.81 3.35
N GLU A 108 11.99 1.38 2.33
CA GLU A 108 11.67 2.24 1.20
C GLU A 108 10.18 2.61 1.18
N GLN A 109 9.88 3.92 1.17
CA GLN A 109 8.52 4.45 1.23
C GLN A 109 8.31 5.63 0.32
N SER A 110 7.04 5.84 -0.09
CA SER A 110 6.62 6.94 -0.94
C SER A 110 6.61 8.30 -0.19
N THR A 111 6.85 9.40 -0.95
CA THR A 111 6.80 10.79 -0.46
C THR A 111 5.68 11.55 -1.23
N GLN A 112 4.93 10.80 -2.07
CA GLN A 112 3.93 11.31 -2.99
C GLN A 112 2.58 10.63 -2.84
N THR A 113 1.53 11.42 -2.96
CA THR A 113 0.17 10.89 -2.94
C THR A 113 -0.23 10.49 -4.35
N VAL A 114 -1.02 9.41 -4.48
CA VAL A 114 -1.62 8.99 -5.75
C VAL A 114 -3.13 9.17 -5.55
N GLN A 115 -3.54 9.39 -4.31
CA GLN A 115 -4.91 9.46 -3.91
C GLN A 115 -5.40 10.85 -3.52
N GLY A 116 -6.64 11.18 -3.93
CA GLY A 116 -7.34 12.40 -3.58
C GLY A 116 -7.68 12.40 -2.11
N PRO A 117 -7.72 13.57 -1.44
CA PRO A 117 -7.91 13.59 0.02
C PRO A 117 -9.22 13.02 0.56
N ASP A 118 -10.24 12.97 -0.29
CA ASP A 118 -11.57 12.50 0.13
C ASP A 118 -11.88 11.09 -0.37
N SER A 119 -10.97 10.53 -1.17
CA SER A 119 -11.11 9.20 -1.72
C SER A 119 -10.99 8.09 -0.68
N ALA A 120 -11.67 6.96 -0.96
CA ALA A 120 -11.69 5.77 -0.12
C ALA A 120 -11.19 4.55 -0.90
N ALA A 121 -10.36 4.81 -1.93
CA ALA A 121 -9.72 3.81 -2.78
C ALA A 121 -8.36 3.34 -2.25
N CYS A 122 -7.96 3.68 -0.99
CA CYS A 122 -6.66 3.30 -0.40
C CYS A 122 -6.32 1.79 -0.53
N GLY A 123 -7.26 0.93 -0.15
CA GLY A 123 -7.14 -0.52 -0.28
C GLY A 123 -6.89 -0.95 -1.71
N LEU A 124 -7.56 -0.32 -2.66
CA LEU A 124 -7.42 -0.61 -4.09
C LEU A 124 -6.06 -0.20 -4.69
N PHE A 125 -5.55 1.01 -4.31
CA PHE A 125 -4.20 1.50 -4.68
C PHE A 125 -3.15 0.55 -4.07
N CYS A 126 -3.39 0.02 -2.87
CA CYS A 126 -2.51 -0.97 -2.23
C CYS A 126 -2.44 -2.23 -3.09
N CYS A 127 -3.60 -2.67 -3.65
CA CYS A 127 -3.63 -3.82 -4.56
C CYS A 127 -2.78 -3.59 -5.77
N MET A 128 -2.90 -2.39 -6.37
CA MET A 128 -2.14 -2.00 -7.58
C MET A 128 -0.64 -2.00 -7.31
N PHE A 129 -0.25 -1.42 -6.18
CA PHE A 129 1.15 -1.41 -5.76
C PHE A 129 1.64 -2.84 -5.60
N LEU A 130 0.88 -3.74 -4.88
CA LEU A 130 1.35 -5.12 -4.69
C LEU A 130 1.48 -5.86 -6.00
N HIS A 131 0.69 -5.48 -7.04
CA HIS A 131 0.83 -6.05 -8.36
C HIS A 131 2.20 -5.64 -8.89
N ALA A 132 2.54 -4.35 -8.77
CA ALA A 132 3.82 -3.81 -9.23
C ALA A 132 4.98 -4.44 -8.42
N PHE A 133 4.77 -4.65 -7.11
CA PHE A 133 5.77 -5.25 -6.25
C PHE A 133 6.06 -6.72 -6.59
N VAL A 134 5.03 -7.55 -6.87
CA VAL A 134 5.28 -8.96 -7.18
C VAL A 134 5.84 -9.14 -8.58
N HIS A 135 5.65 -8.16 -9.48
CA HIS A 135 6.18 -8.31 -10.82
C HIS A 135 7.52 -7.62 -10.98
N TRP A 136 7.82 -6.58 -10.18
CA TRP A 136 9.10 -5.84 -10.25
C TRP A 136 9.55 -5.49 -8.83
N PRO A 137 9.95 -6.51 -8.04
CA PRO A 137 10.26 -6.25 -6.61
C PRO A 137 11.51 -5.42 -6.35
N ASP A 138 12.36 -5.23 -7.36
CA ASP A 138 13.60 -4.45 -7.27
C ASP A 138 13.36 -2.96 -7.43
N ARG A 139 12.22 -2.57 -8.02
CA ARG A 139 11.77 -1.19 -8.23
C ARG A 139 10.23 -1.14 -8.38
N PRO A 140 9.47 -1.30 -7.27
CA PRO A 140 8.01 -1.31 -7.36
C PRO A 140 7.31 0.04 -7.33
N MET A 141 7.96 1.06 -6.72
CA MET A 141 7.42 2.40 -6.49
C MET A 141 7.15 3.20 -7.76
N ASP A 142 8.01 3.06 -8.77
CA ASP A 142 7.91 3.75 -10.06
C ASP A 142 8.82 3.01 -11.06
N GLY A 143 8.82 3.46 -12.31
CA GLY A 143 9.62 2.88 -13.39
C GLY A 143 9.31 1.43 -13.71
N ASN A 144 8.00 1.06 -13.63
CA ASN A 144 7.47 -0.27 -13.96
C ASN A 144 6.07 -0.13 -14.63
N PRO A 145 5.72 -1.03 -15.58
CA PRO A 145 4.42 -0.94 -16.29
C PRO A 145 3.16 -0.59 -15.48
N THR A 146 3.09 -1.01 -14.21
CA THR A 146 1.95 -0.78 -13.32
C THR A 146 1.98 0.61 -12.66
N MET A 147 3.10 0.98 -12.02
CA MET A 147 3.18 2.27 -11.35
C MET A 147 3.39 3.43 -12.34
N ASN A 148 3.89 3.14 -13.58
CA ASN A 148 4.02 4.13 -14.67
C ASN A 148 2.65 4.67 -15.13
N LEU A 149 1.57 3.92 -14.80
CA LEU A 149 0.18 4.25 -15.10
C LEU A 149 -0.33 5.35 -14.17
N LEU A 150 0.28 5.48 -12.98
CA LEU A 150 -0.12 6.51 -12.03
C LEU A 150 0.89 7.69 -12.04
N THR A 151 0.48 8.82 -11.46
CA THR A 151 1.26 10.05 -11.37
C THR A 151 1.25 10.49 -9.91
N GLY A 152 2.38 10.28 -9.24
CA GLY A 152 2.50 10.70 -7.86
C GLY A 152 2.68 12.20 -7.77
N VAL A 153 2.10 12.82 -6.74
CA VAL A 153 2.28 14.24 -6.53
C VAL A 153 2.88 14.43 -5.15
N PRO A 154 3.78 15.42 -4.94
CA PRO A 154 4.31 15.64 -3.59
C PRO A 154 3.20 15.58 -2.53
N ASN A 155 3.41 14.78 -1.46
CA ASN A 155 2.45 14.60 -0.34
C ASN A 155 1.97 15.93 0.25
N GLY A 156 2.89 16.91 0.30
CA GLY A 156 2.64 18.23 0.85
C GLY A 156 1.57 19.03 0.12
N MET A 157 1.30 18.63 -1.13
CA MET A 157 0.31 19.22 -2.03
C MET A 157 -1.07 18.51 -1.93
N LEU A 158 -1.22 17.47 -1.05
CA LEU A 158 -2.46 16.67 -0.94
C LEU A 158 -3.79 17.48 -0.88
N GLN A 159 -3.81 18.58 -0.12
CA GLN A 159 -5.02 19.40 0.06
C GLN A 159 -5.12 20.57 -0.95
N SER A 160 -4.32 20.57 -2.04
CA SER A 160 -4.32 21.69 -2.99
C SER A 160 -5.12 21.47 -4.30
N PRO A 161 -5.76 22.55 -4.83
CA PRO A 161 -6.56 22.44 -6.06
C PRO A 161 -5.85 22.00 -7.33
N GLN A 162 -4.60 22.43 -7.52
CA GLN A 162 -3.81 22.17 -8.75
C GLN A 162 -3.63 20.67 -9.02
N VAL A 163 -3.75 19.82 -7.97
CA VAL A 163 -3.49 18.38 -8.11
C VAL A 163 -4.77 17.50 -8.22
N LEU A 164 -6.01 17.94 -7.83
CA LEU A 164 -7.21 17.09 -7.98
C LEU A 164 -7.37 16.48 -9.40
N PRO A 165 -7.24 17.24 -10.51
CA PRO A 165 -7.32 16.61 -11.84
C PRO A 165 -6.39 15.38 -12.03
N THR A 166 -5.17 15.46 -11.45
CA THR A 166 -4.19 14.39 -11.46
C THR A 166 -4.63 13.23 -10.55
N LEU A 167 -5.11 13.52 -9.31
CA LEU A 167 -5.50 12.50 -8.33
C LEU A 167 -6.77 11.75 -8.74
N ARG A 168 -7.67 12.43 -9.50
CA ARG A 168 -8.89 11.85 -10.08
C ARG A 168 -8.51 10.96 -11.27
N ARG A 169 -7.60 11.43 -12.14
CA ARG A 169 -7.15 10.62 -13.27
C ARG A 169 -6.48 9.33 -12.74
N ASN A 170 -5.73 9.43 -11.61
CA ASN A 170 -5.09 8.27 -10.98
C ASN A 170 -6.16 7.23 -10.59
N GLN A 171 -7.23 7.67 -9.90
CA GLN A 171 -8.36 6.89 -9.42
C GLN A 171 -9.13 6.22 -10.58
N GLU A 172 -9.32 6.92 -11.73
CA GLU A 172 -9.92 6.38 -12.96
C GLU A 172 -9.01 5.34 -13.60
N LYS A 173 -7.67 5.58 -13.59
CA LYS A 173 -6.74 4.62 -14.20
C LYS A 173 -6.56 3.40 -13.32
N LEU A 174 -6.82 3.56 -12.00
CA LEU A 174 -6.77 2.52 -11.01
C LEU A 174 -7.89 1.51 -11.34
N TYR A 175 -9.13 2.02 -11.52
CA TYR A 175 -10.31 1.22 -11.83
C TYR A 175 -10.09 0.46 -13.11
N ARG A 176 -9.70 1.17 -14.20
CA ARG A 176 -9.42 0.61 -15.51
C ARG A 176 -8.40 -0.52 -15.41
N PHE A 177 -7.33 -0.34 -14.59
CA PHE A 177 -6.29 -1.36 -14.42
C PHE A 177 -6.86 -2.61 -13.75
N LEU A 178 -7.61 -2.41 -12.68
CA LEU A 178 -8.22 -3.49 -11.92
C LEU A 178 -9.28 -4.25 -12.70
N ALA A 179 -10.12 -3.54 -13.48
CA ALA A 179 -11.14 -4.13 -14.34
C ALA A 179 -10.47 -5.01 -15.39
N HIS A 180 -9.31 -4.58 -15.89
CA HIS A 180 -8.53 -5.36 -16.84
C HIS A 180 -7.94 -6.65 -16.26
N HIS A 181 -7.47 -6.65 -14.99
CA HIS A 181 -6.79 -7.80 -14.35
C HIS A 181 -7.61 -8.65 -13.35
N SER A 182 -8.68 -8.12 -12.79
CA SER A 182 -9.42 -8.82 -11.75
C SER A 182 -10.92 -9.11 -12.05
N PRO A 183 -11.25 -10.42 -12.27
CA PRO A 183 -12.66 -10.82 -12.44
C PRO A 183 -13.54 -10.43 -11.26
N TYR A 184 -13.01 -10.54 -10.02
CA TYR A 184 -13.74 -10.16 -8.80
C TYR A 184 -14.10 -8.66 -8.85
N PHE A 185 -13.16 -7.80 -9.29
CA PHE A 185 -13.40 -6.35 -9.41
C PHE A 185 -14.51 -6.15 -10.43
N ARG A 186 -14.41 -6.78 -11.61
CA ARG A 186 -15.43 -6.71 -12.69
C ARG A 186 -16.84 -7.06 -12.20
N SER A 187 -16.96 -8.16 -11.44
CA SER A 187 -18.21 -8.66 -10.86
C SER A 187 -18.86 -7.70 -9.83
N HIS A 188 -18.02 -7.07 -8.97
CA HIS A 188 -18.51 -6.19 -7.91
C HIS A 188 -18.23 -4.70 -8.18
N ARG A 189 -17.90 -4.36 -9.43
CA ARG A 189 -17.47 -3.04 -9.88
C ARG A 189 -18.34 -1.87 -9.36
N ALA A 190 -19.69 -1.92 -9.57
CA ALA A 190 -20.60 -0.88 -9.11
C ALA A 190 -20.52 -0.60 -7.62
N ALA A 191 -20.47 -1.66 -6.78
CA ALA A 191 -20.38 -1.53 -5.33
C ALA A 191 -18.97 -1.08 -4.87
N ILE A 192 -17.92 -1.54 -5.58
CA ILE A 192 -16.52 -1.19 -5.28
C ILE A 192 -16.26 0.29 -5.61
N GLU A 193 -16.55 0.73 -6.86
CA GLU A 193 -16.39 2.11 -7.33
C GLU A 193 -17.17 3.11 -6.51
N HIS A 194 -18.36 2.71 -6.00
CA HIS A 194 -19.20 3.57 -5.17
C HIS A 194 -18.69 3.67 -3.74
N ALA A 195 -18.31 2.54 -3.09
CA ALA A 195 -17.86 2.56 -1.70
C ALA A 195 -16.42 3.13 -1.50
N THR A 196 -15.63 3.20 -2.60
CA THR A 196 -14.25 3.70 -2.61
C THR A 196 -14.13 5.02 -3.40
N ALA A 197 -15.28 5.68 -3.66
CA ALA A 197 -15.43 6.91 -4.46
C ALA A 197 -14.38 7.99 -4.17
N PHE A 198 -13.97 8.72 -5.21
CA PHE A 198 -13.03 9.82 -5.12
C PHE A 198 -13.45 10.85 -4.04
N ASP A 199 -14.77 11.07 -3.89
CA ASP A 199 -15.41 12.03 -2.99
C ASP A 199 -16.10 11.41 -1.76
N LYS A 200 -15.92 10.08 -1.55
CA LYS A 200 -16.56 9.28 -0.51
C LYS A 200 -16.48 9.84 0.92
N MET A 201 -15.37 10.50 1.32
CA MET A 201 -15.26 11.04 2.68
C MET A 201 -16.19 12.24 2.91
N LYS A 202 -16.53 12.97 1.83
CA LYS A 202 -17.48 14.09 1.86
C LYS A 202 -18.94 13.56 1.77
N GLN A 203 -19.14 12.40 1.12
CA GLN A 203 -20.43 11.74 0.95
C GLN A 203 -20.79 10.74 2.09
N LEU A 204 -20.21 10.90 3.30
CA LEU A 204 -20.49 10.04 4.48
C LEU A 204 -21.91 10.24 5.05
N GLY B 1 4.56 6.86 -11.58
CA GLY B 1 4.59 6.33 -10.22
C GLY B 1 4.93 7.37 -9.18
N VAL B 2 5.41 6.90 -8.03
CA VAL B 2 5.75 7.73 -6.89
C VAL B 2 7.23 7.78 -6.64
N LYS B 3 7.70 8.96 -6.19
CA LYS B 3 9.08 9.16 -5.76
C LYS B 3 9.12 8.56 -4.38
N SER B 4 10.27 7.98 -4.04
CA SER B 4 10.46 7.30 -2.76
C SER B 4 11.73 7.76 -1.99
N LEU B 5 11.81 7.36 -0.73
CA LEU B 5 12.93 7.65 0.15
C LEU B 5 13.38 6.31 0.73
N LYS B 6 14.66 5.98 0.56
CA LYS B 6 15.24 4.75 1.10
C LYS B 6 16.11 5.10 2.36
N ARG B 7 15.84 4.44 3.51
CA ARG B 7 16.53 4.63 4.80
C ARG B 7 17.03 3.27 5.28
N ARG B 8 18.27 3.20 5.82
CA ARG B 8 18.82 1.96 6.39
C ARG B 8 18.43 1.92 7.86
N ARG B 9 17.95 0.76 8.32
CA ARG B 9 17.53 0.57 9.71
C ARG B 9 18.25 -0.64 10.24
N CYS B 10 18.98 -0.50 11.35
CA CYS B 10 19.76 -1.55 11.99
C CYS B 10 19.31 -1.76 13.40
N TYR B 11 19.21 -3.04 13.81
CA TYR B 11 18.73 -3.44 15.13
C TYR B 11 19.68 -4.37 15.91
#